data_5MEY
#
_entry.id   5MEY
#
_cell.length_a   64.170
_cell.length_b   79.000
_cell.length_c   90.100
_cell.angle_alpha   90.00
_cell.angle_beta   90.00
_cell.angle_gamma   90.00
#
_symmetry.space_group_name_H-M   'C 2 2 21'
#
loop_
_entity.id
_entity.type
_entity.pdbx_description
1 polymer 'MH1 domain of human Smad4'
2 polymer "DNA (5'-D(P*AP*TP*GP*CP*GP*GP*GP*CP*GP*CP*GP*CP*CP*CP*GP*CP*AP*T)-3')"
3 non-polymer 'ZINC ION'
4 non-polymer 'CHLORIDE ION'
5 non-polymer DI(HYDROXYETHYL)ETHER
6 non-polymer 1,2-ETHANEDIOL
7 non-polymer 'CALCIUM ION'
8 water water
#
loop_
_entity_poly.entity_id
_entity_poly.type
_entity_poly.pdbx_seq_one_letter_code
_entity_poly.pdbx_strand_id
1 'polypeptide(L)'
;GAMGPTSNDACLSIVHSLMCHRQGGESETFAKRAIESLVKKLKEKKDELDSLITAITTNGAHPSKCVTIQRTLDGRLQVA
GRKGFPHVIYARLWRWPDLHKNELKHVKYCQYAFDLKCDSVCVNPYHYERVVSPG
;
A
2 'polydeoxyribonucleotide' (DA)(DT)(DG)(DC)(DG)(DG)(DG)(DC)(DG)(DC)(DG)(DC)(DC)(DC)(DG)(DC)(DA)(DT) D
#
# COMPACT_ATOMS: atom_id res chain seq x y z
N ALA A 10 -13.28 -4.29 -15.13
CA ALA A 10 -12.67 -5.46 -14.49
C ALA A 10 -11.78 -5.01 -13.31
N CYS A 11 -10.44 -4.96 -13.50
CA CYS A 11 -9.49 -4.46 -12.51
C CYS A 11 -9.60 -2.93 -12.49
N LEU A 12 -10.02 -2.34 -13.63
CA LEU A 12 -10.26 -0.91 -13.87
C LEU A 12 -11.32 -0.33 -12.93
N SER A 13 -12.37 -1.11 -12.59
CA SER A 13 -13.43 -0.68 -11.68
C SER A 13 -12.92 -0.65 -10.24
N ILE A 14 -12.06 -1.63 -9.89
CA ILE A 14 -11.41 -1.75 -8.57
C ILE A 14 -10.43 -0.56 -8.41
N VAL A 15 -9.60 -0.28 -9.44
CA VAL A 15 -8.62 0.82 -9.48
C VAL A 15 -9.38 2.16 -9.23
N HIS A 16 -10.51 2.39 -9.95
CA HIS A 16 -11.32 3.61 -9.79
C HIS A 16 -11.84 3.80 -8.38
N SER A 17 -12.32 2.71 -7.73
CA SER A 17 -12.83 2.75 -6.37
C SER A 17 -11.74 3.05 -5.34
N LEU A 18 -10.52 2.54 -5.58
CA LEU A 18 -9.36 2.78 -4.71
C LEU A 18 -8.80 4.20 -4.93
N MET A 19 -8.89 4.71 -6.17
CA MET A 19 -8.47 6.06 -6.59
C MET A 19 -9.25 7.14 -5.82
N CYS A 20 -10.55 6.87 -5.56
CA CYS A 20 -11.44 7.77 -4.82
C CYS A 20 -10.94 8.04 -3.41
N HIS A 21 -10.06 7.16 -2.88
CA HIS A 21 -9.55 7.31 -1.52
C HIS A 21 -8.11 7.86 -1.44
N ARG A 22 -7.52 8.25 -2.59
CA ARG A 22 -6.18 8.85 -2.62
C ARG A 22 -6.18 10.20 -1.91
N GLN A 23 -5.05 10.55 -1.30
CA GLN A 23 -4.96 11.79 -0.51
C GLN A 23 -4.40 13.00 -1.29
N GLY A 24 -4.08 12.82 -2.57
CA GLY A 24 -3.59 13.90 -3.42
C GLY A 24 -2.12 14.27 -3.28
N GLY A 25 -1.33 13.48 -2.57
CA GLY A 25 0.10 13.75 -2.44
C GLY A 25 0.86 13.68 -3.76
N GLU A 26 0.26 12.99 -4.74
CA GLU A 26 0.85 12.83 -6.07
C GLU A 26 -0.16 13.21 -7.17
N SER A 27 0.27 13.13 -8.45
CA SER A 27 -0.58 13.40 -9.60
C SER A 27 -1.56 12.24 -9.71
N GLU A 28 -2.68 12.48 -10.42
CA GLU A 28 -3.71 11.49 -10.70
C GLU A 28 -3.07 10.31 -11.46
N THR A 29 -2.19 10.62 -12.42
CA THR A 29 -1.53 9.64 -13.27
C THR A 29 -0.56 8.77 -12.44
N PHE A 30 0.22 9.34 -11.47
CA PHE A 30 1.08 8.54 -10.62
C PHE A 30 0.27 7.57 -9.76
N ALA A 31 -0.81 8.08 -9.13
CA ALA A 31 -1.69 7.30 -8.26
C ALA A 31 -2.30 6.11 -9.02
N LYS A 32 -2.75 6.35 -10.26
CA LYS A 32 -3.32 5.37 -11.16
C LYS A 32 -2.32 4.25 -11.46
N ARG A 33 -1.09 4.60 -11.86
CA ARG A 33 -0.02 3.62 -12.13
C ARG A 33 0.30 2.80 -10.86
N ALA A 34 0.40 3.46 -9.68
CA ALA A 34 0.68 2.77 -8.42
C ALA A 34 -0.43 1.77 -8.06
N ILE A 35 -1.69 2.16 -8.24
CA ILE A 35 -2.86 1.33 -7.92
C ILE A 35 -2.97 0.18 -8.91
N GLU A 36 -2.83 0.46 -10.22
CA GLU A 36 -2.83 -0.54 -11.30
C GLU A 36 -1.77 -1.64 -11.03
N SER A 37 -0.52 -1.23 -10.69
CA SER A 37 0.59 -2.12 -10.40
C SER A 37 0.24 -3.05 -9.24
N LEU A 38 -0.34 -2.49 -8.13
CA LEU A 38 -0.76 -3.25 -6.95
C LEU A 38 -1.90 -4.23 -7.26
N VAL A 39 -2.98 -3.74 -7.90
CA VAL A 39 -4.14 -4.56 -8.26
C VAL A 39 -3.72 -5.75 -9.16
N LYS A 40 -2.85 -5.51 -10.16
CA LYS A 40 -2.37 -6.58 -11.02
C LYS A 40 -1.65 -7.72 -10.26
N LYS A 41 -0.87 -7.39 -9.22
CA LYS A 41 -0.14 -8.37 -8.38
C LYS A 41 -1.09 -9.17 -7.49
N LEU A 42 -2.22 -8.57 -7.11
CA LEU A 42 -3.23 -9.18 -6.23
C LEU A 42 -4.37 -9.84 -7.01
N LYS A 43 -4.31 -9.83 -8.36
CA LYS A 43 -5.32 -10.42 -9.25
C LYS A 43 -5.52 -11.91 -8.99
N GLU A 44 -4.44 -12.68 -8.76
CA GLU A 44 -4.55 -14.11 -8.47
C GLU A 44 -4.44 -14.40 -6.96
N LYS A 45 -4.68 -13.37 -6.12
CA LYS A 45 -4.64 -13.48 -4.66
C LYS A 45 -5.90 -12.83 -4.09
N LYS A 46 -7.08 -13.44 -4.39
CA LYS A 46 -8.44 -13.02 -4.00
C LYS A 46 -8.58 -12.52 -2.57
N ASP A 47 -8.08 -13.28 -1.58
CA ASP A 47 -8.17 -12.94 -0.15
C ASP A 47 -7.43 -11.65 0.18
N GLU A 48 -6.21 -11.45 -0.38
CA GLU A 48 -5.38 -10.26 -0.15
C GLU A 48 -5.99 -9.02 -0.80
N LEU A 49 -6.55 -9.15 -2.03
CA LEU A 49 -7.25 -8.10 -2.76
C LEU A 49 -8.50 -7.64 -1.99
N ASP A 50 -9.29 -8.60 -1.43
CA ASP A 50 -10.50 -8.30 -0.65
C ASP A 50 -10.14 -7.56 0.61
N SER A 51 -9.02 -7.95 1.29
CA SER A 51 -8.55 -7.28 2.49
C SER A 51 -8.11 -5.85 2.18
N LEU A 52 -7.57 -5.60 0.96
CA LEU A 52 -7.16 -4.26 0.53
C LEU A 52 -8.38 -3.37 0.28
N ILE A 53 -9.34 -3.84 -0.56
CA ILE A 53 -10.56 -3.09 -0.87
C ILE A 53 -11.34 -2.75 0.41
N THR A 54 -11.54 -3.75 1.29
CA THR A 54 -12.25 -3.55 2.56
C THR A 54 -11.54 -2.54 3.46
N ALA A 55 -10.19 -2.62 3.55
CA ALA A 55 -9.41 -1.69 4.39
C ALA A 55 -9.44 -0.25 3.86
N ILE A 56 -9.26 -0.06 2.55
CA ILE A 56 -9.25 1.28 1.92
C ILE A 56 -10.65 1.93 1.92
N THR A 57 -11.67 1.18 1.45
CA THR A 57 -13.09 1.57 1.31
C THR A 57 -13.73 2.03 2.65
N THR A 58 -13.38 1.38 3.77
CA THR A 58 -13.91 1.70 5.10
C THR A 58 -12.99 2.60 5.91
N ASN A 59 -11.85 3.02 5.32
CA ASN A 59 -10.83 3.85 5.97
C ASN A 59 -10.28 3.21 7.25
N GLY A 60 -9.98 1.91 7.13
CA GLY A 60 -9.43 1.05 8.17
C GLY A 60 -10.24 1.00 9.44
N ALA A 61 -11.58 1.08 9.30
CA ALA A 61 -12.57 1.06 10.38
C ALA A 61 -12.49 -0.25 11.16
N HIS A 62 -12.57 -1.38 10.44
CA HIS A 62 -12.53 -2.72 11.01
C HIS A 62 -11.20 -3.42 10.70
N PRO A 63 -10.52 -4.00 11.74
CA PRO A 63 -9.23 -4.67 11.51
C PRO A 63 -9.15 -5.53 10.25
N SER A 64 -8.06 -5.35 9.49
CA SER A 64 -7.81 -6.03 8.22
C SER A 64 -6.58 -6.94 8.32
N LYS A 65 -6.47 -7.88 7.38
CA LYS A 65 -5.36 -8.82 7.29
C LYS A 65 -4.30 -8.22 6.35
N CYS A 66 -3.06 -8.79 6.35
CA CYS A 66 -1.95 -8.36 5.52
C CYS A 66 -2.28 -8.36 4.02
N VAL A 67 -1.67 -7.40 3.28
CA VAL A 67 -1.82 -7.25 1.82
C VAL A 67 -0.37 -7.19 1.35
N THR A 68 0.14 -8.28 0.75
CA THR A 68 1.54 -8.38 0.42
C THR A 68 1.87 -8.45 -1.05
N ILE A 69 3.08 -7.95 -1.36
CA ILE A 69 3.68 -8.00 -2.68
C ILE A 69 5.10 -8.52 -2.45
N GLN A 70 5.75 -9.03 -3.48
CA GLN A 70 7.13 -9.50 -3.36
C GLN A 70 8.08 -8.32 -3.25
N ARG A 71 9.04 -8.43 -2.33
CA ARG A 71 10.09 -7.47 -2.09
C ARG A 71 11.12 -7.56 -3.24
N THR A 72 11.68 -6.41 -3.64
CA THR A 72 12.76 -6.40 -4.63
C THR A 72 14.06 -6.59 -3.81
N LEU A 73 15.17 -6.92 -4.47
CA LEU A 73 16.47 -7.10 -3.80
C LEU A 73 16.92 -5.88 -2.99
N ASP A 74 16.67 -4.67 -3.50
CA ASP A 74 17.08 -3.47 -2.78
C ASP A 74 15.95 -2.86 -1.92
N GLY A 75 14.74 -3.41 -2.01
CA GLY A 75 13.59 -2.97 -1.22
C GLY A 75 12.71 -1.91 -1.86
N ARG A 76 13.23 -1.16 -2.86
CA ARG A 76 12.40 -0.15 -3.48
C ARG A 76 11.57 -0.75 -4.64
N LEU A 77 10.37 -0.20 -4.81
CA LEU A 77 9.44 -0.53 -5.87
C LEU A 77 9.50 0.67 -6.86
N GLN A 78 9.54 0.38 -8.16
CA GLN A 78 9.51 1.44 -9.17
C GLN A 78 8.10 1.55 -9.76
N VAL A 79 7.56 2.77 -9.79
CA VAL A 79 6.26 3.09 -10.39
C VAL A 79 6.49 4.34 -11.24
N ALA A 80 6.20 4.24 -12.56
CA ALA A 80 6.30 5.34 -13.53
C ALA A 80 7.62 6.10 -13.43
N GLY A 81 8.71 5.34 -13.39
CA GLY A 81 10.07 5.85 -13.34
C GLY A 81 10.59 6.25 -11.97
N ARG A 82 9.75 6.19 -10.94
CA ARG A 82 10.19 6.60 -9.60
C ARG A 82 10.28 5.43 -8.64
N LYS A 83 11.34 5.40 -7.84
CA LYS A 83 11.54 4.34 -6.85
C LYS A 83 11.25 4.84 -5.43
N GLY A 84 10.57 4.00 -4.65
CA GLY A 84 10.28 4.26 -3.26
C GLY A 84 9.99 2.96 -2.53
N PHE A 85 10.02 2.99 -1.19
CA PHE A 85 9.68 1.79 -0.43
C PHE A 85 8.19 1.52 -0.64
N PRO A 86 7.78 0.27 -0.99
CA PRO A 86 6.38 0.00 -1.36
C PRO A 86 5.35 0.27 -0.27
N HIS A 87 5.69 0.01 1.00
CA HIS A 87 4.75 0.32 2.09
C HIS A 87 4.56 1.85 2.22
N VAL A 88 5.62 2.63 1.95
CA VAL A 88 5.63 4.09 2.00
C VAL A 88 4.78 4.66 0.86
N ILE A 89 4.96 4.11 -0.36
CA ILE A 89 4.19 4.53 -1.53
C ILE A 89 2.68 4.41 -1.26
N TYR A 90 2.23 3.25 -0.76
CA TYR A 90 0.81 3.03 -0.54
C TYR A 90 0.29 3.70 0.74
N ALA A 91 1.13 3.96 1.74
CA ALA A 91 0.67 4.68 2.95
C ALA A 91 0.53 6.19 2.59
N ARG A 92 1.45 6.74 1.76
CA ARG A 92 1.43 8.12 1.28
C ARG A 92 0.16 8.35 0.45
N LEU A 93 -0.12 7.41 -0.43
CA LEU A 93 -1.26 7.40 -1.33
C LEU A 93 -2.64 7.36 -0.63
N TRP A 94 -2.81 6.51 0.40
CA TRP A 94 -4.11 6.40 1.02
C TRP A 94 -4.27 7.03 2.43
N ARG A 95 -3.18 7.42 3.09
CA ARG A 95 -3.31 7.95 4.46
C ARG A 95 -2.59 9.27 4.73
N TRP A 96 -1.27 9.33 4.47
CA TRP A 96 -0.42 10.49 4.77
C TRP A 96 0.27 11.01 3.49
N PRO A 97 -0.36 11.99 2.79
CA PRO A 97 0.21 12.49 1.52
C PRO A 97 1.58 13.16 1.62
N ASP A 98 1.91 13.69 2.80
CA ASP A 98 3.17 14.39 3.13
C ASP A 98 4.18 13.46 3.82
N LEU A 99 3.88 12.16 3.92
CA LEU A 99 4.72 11.17 4.58
C LEU A 99 6.17 11.17 4.07
N HIS A 100 7.11 11.16 5.02
CA HIS A 100 8.55 11.13 4.76
C HIS A 100 9.14 9.80 5.23
N LYS A 101 10.46 9.63 5.01
CA LYS A 101 11.20 8.44 5.44
C LYS A 101 11.26 8.34 6.97
N ASN A 102 11.28 7.08 7.48
CA ASN A 102 11.40 6.71 8.90
C ASN A 102 10.26 7.27 9.78
N GLU A 103 9.07 7.43 9.19
CA GLU A 103 7.88 7.94 9.87
C GLU A 103 6.79 6.87 10.01
N LEU A 104 7.12 5.61 9.70
CA LEU A 104 6.16 4.52 9.79
C LEU A 104 6.56 3.49 10.81
N LYS A 105 5.56 2.96 11.52
CA LYS A 105 5.79 1.91 12.51
C LYS A 105 4.68 0.90 12.35
N HIS A 106 5.05 -0.36 12.12
CA HIS A 106 4.04 -1.39 11.95
C HIS A 106 3.38 -1.80 13.26
N VAL A 107 2.12 -2.20 13.16
CA VAL A 107 1.29 -2.70 14.25
C VAL A 107 1.81 -4.10 14.65
N LYS A 108 1.67 -4.48 15.93
CA LYS A 108 2.15 -5.76 16.48
C LYS A 108 1.66 -7.01 15.75
N TYR A 109 0.42 -7.00 15.23
CA TYR A 109 -0.16 -8.16 14.55
C TYR A 109 0.29 -8.34 13.08
N CYS A 110 0.92 -7.29 12.49
CA CYS A 110 1.42 -7.37 11.11
C CYS A 110 2.60 -8.32 11.00
N GLN A 111 2.42 -9.43 10.27
CA GLN A 111 3.46 -10.46 10.12
C GLN A 111 4.39 -10.27 8.90
N TYR A 112 4.03 -9.38 7.96
CA TYR A 112 4.83 -9.19 6.76
C TYR A 112 5.33 -7.76 6.57
N ALA A 113 5.37 -6.97 7.67
CA ALA A 113 5.86 -5.59 7.68
C ALA A 113 7.22 -5.50 7.03
N PHE A 114 7.47 -4.38 6.31
CA PHE A 114 8.75 -4.14 5.63
C PHE A 114 9.99 -4.40 6.53
N ASP A 115 9.96 -3.92 7.79
CA ASP A 115 11.02 -4.07 8.80
C ASP A 115 11.29 -5.52 9.21
N LEU A 116 10.30 -6.43 9.02
CA LEU A 116 10.43 -7.84 9.40
C LEU A 116 11.29 -8.68 8.44
N LYS A 117 11.81 -8.05 7.36
CA LYS A 117 12.73 -8.64 6.37
C LYS A 117 12.22 -9.97 5.77
N CYS A 118 10.99 -9.96 5.29
CA CYS A 118 10.39 -11.11 4.62
C CYS A 118 10.32 -10.80 3.13
N ASP A 119 10.45 -11.82 2.26
CA ASP A 119 10.35 -11.66 0.81
C ASP A 119 8.97 -11.10 0.39
N SER A 120 7.96 -11.22 1.27
CA SER A 120 6.61 -10.69 1.10
C SER A 120 6.53 -9.45 2.00
N VAL A 121 6.15 -8.30 1.41
CA VAL A 121 6.06 -7.02 2.14
C VAL A 121 4.62 -6.61 2.28
N CYS A 122 4.17 -6.31 3.52
CA CYS A 122 2.79 -5.84 3.69
C CYS A 122 2.71 -4.38 3.28
N VAL A 123 1.79 -4.07 2.36
CA VAL A 123 1.53 -2.71 1.87
C VAL A 123 0.14 -2.22 2.32
N ASN A 124 -0.42 -2.88 3.35
CA ASN A 124 -1.71 -2.46 3.92
C ASN A 124 -1.41 -1.18 4.73
N PRO A 125 -1.90 0.01 4.29
CA PRO A 125 -1.56 1.25 5.02
C PRO A 125 -2.06 1.28 6.48
N TYR A 126 -3.12 0.51 6.79
CA TYR A 126 -3.69 0.41 8.13
C TYR A 126 -2.97 -0.64 8.98
N HIS A 127 -1.81 -1.14 8.48
CA HIS A 127 -0.92 -2.04 9.21
C HIS A 127 0.31 -1.29 9.68
N TYR A 128 0.28 0.03 9.48
CA TYR A 128 1.31 0.96 9.89
C TYR A 128 0.64 2.14 10.53
N GLU A 129 1.38 2.79 11.43
CA GLU A 129 0.95 4.00 12.11
C GLU A 129 2.08 5.00 11.99
N ARG A 130 1.74 6.30 11.94
CA ARG A 130 2.72 7.36 11.79
C ARG A 130 3.41 7.71 13.10
N VAL A 131 4.74 7.88 13.03
CA VAL A 131 5.61 8.24 14.13
C VAL A 131 6.53 9.41 13.72
N VAL A 132 7.09 10.13 14.71
CA VAL A 132 7.98 11.27 14.50
C VAL A 132 9.38 10.75 14.10
N SER A 133 10.00 11.35 13.07
CA SER A 133 11.34 10.95 12.60
C SER A 133 12.44 11.68 13.36
#